data_3RK6
#
_entry.id   3RK6
#
_cell.length_a   58.610
_cell.length_b   76.050
_cell.length_c   62.420
_cell.angle_alpha   90.000
_cell.angle_beta   96.470
_cell.angle_gamma   90.000
#
_symmetry.space_group_name_H-M   'P 1 21 1'
#
loop_
_entity.id
_entity.type
_entity.pdbx_description
1 polymer 'Polyadenylate-binding protein-interacting protein 1'
2 water water
#
_entity_poly.entity_id   1
_entity_poly.type   'polypeptide(L)'
_entity_poly.pdbx_seq_one_letter_code
;GSHMASMTGGQQMGRGSTLSEYVQDFLNHLTEQPGSFETEIEQFAETLNGCVTTDDALQELVELIYQQATSIPNFSYMGA
RLCNYLSHHLTISPQSGNFRQLLLQRCRTEYEVKDQAAKGDEVTRKRFHAFVLFLGELYLNLEIKGTNGQVTRADILQVG
LRELLNALFSNPMDDNLICAVKLLKLTGSVLEDAWKEKGKMDMEEIIQRIENVVLDANCSRDVKQMLLKLVELR
;
_entity_poly.pdbx_strand_id   A,B
#
# COMPACT_ATOMS: atom_id res chain seq x y z
N THR A 18 18.21 -14.71 13.26
CA THR A 18 17.03 -15.07 14.10
C THR A 18 15.77 -15.07 13.22
N LEU A 19 14.73 -15.77 13.65
CA LEU A 19 13.39 -15.69 13.02
C LEU A 19 12.89 -14.24 12.96
N SER A 20 13.00 -13.53 14.08
CA SER A 20 12.46 -12.20 14.13
C SER A 20 13.18 -11.20 13.20
N GLU A 21 14.49 -11.36 13.00
CA GLU A 21 15.20 -10.48 12.06
C GLU A 21 14.78 -10.77 10.63
N TYR A 22 14.69 -12.05 10.28
CA TYR A 22 14.23 -12.49 8.97
C TYR A 22 12.80 -12.00 8.65
N VAL A 23 11.89 -12.17 9.59
CA VAL A 23 10.48 -11.85 9.40
C VAL A 23 10.31 -10.35 9.30
N GLN A 24 10.90 -9.62 10.25
CA GLN A 24 10.84 -8.17 10.27
C GLN A 24 11.43 -7.53 9.00
N ASP A 25 12.54 -8.06 8.50
CA ASP A 25 13.12 -7.62 7.21
CA ASP A 25 13.09 -7.58 7.21
C ASP A 25 12.06 -7.80 6.10
N PHE A 26 11.44 -8.97 6.08
CA PHE A 26 10.48 -9.25 5.00
C PHE A 26 9.26 -8.31 5.07
N LEU A 27 8.75 -8.08 6.29
CA LEU A 27 7.64 -7.13 6.50
C LEU A 27 8.00 -5.70 6.09
N ASN A 28 9.18 -5.22 6.49
CA ASN A 28 9.67 -3.91 5.99
C ASN A 28 9.71 -3.87 4.49
N HIS A 29 10.20 -4.97 3.91
CA HIS A 29 10.29 -5.08 2.45
C HIS A 29 8.89 -4.94 1.74
N LEU A 30 7.88 -5.59 2.31
CA LEU A 30 6.53 -5.57 1.77
C LEU A 30 5.92 -4.20 1.95
N THR A 31 6.22 -3.57 3.07
CA THR A 31 5.79 -2.22 3.33
C THR A 31 6.34 -1.27 2.24
N GLU A 32 7.63 -1.39 1.96
CA GLU A 32 8.30 -0.47 1.01
C GLU A 32 7.99 -0.81 -0.44
N GLN A 33 7.86 -2.11 -0.74
CA GLN A 33 7.62 -2.61 -2.06
C GLN A 33 6.37 -3.52 -2.16
N PRO A 34 5.16 -2.93 -2.12
CA PRO A 34 3.93 -3.74 -2.05
C PRO A 34 3.81 -4.66 -3.24
N GLY A 35 4.42 -4.23 -4.35
CA GLY A 35 4.49 -5.02 -5.55
C GLY A 35 5.26 -6.30 -5.46
N SER A 36 6.06 -6.50 -4.43
CA SER A 36 6.92 -7.67 -4.44
C SER A 36 6.25 -8.89 -3.76
N PHE A 37 5.02 -8.75 -3.27
CA PHE A 37 4.35 -9.85 -2.60
C PHE A 37 4.30 -11.06 -3.54
N GLU A 38 3.79 -10.88 -4.75
CA GLU A 38 3.58 -12.01 -5.63
C GLU A 38 4.89 -12.72 -5.95
N THR A 39 5.99 -12.00 -6.10
CA THR A 39 7.20 -12.66 -6.55
C THR A 39 8.11 -13.15 -5.42
N GLU A 40 7.87 -12.67 -4.20
CA GLU A 40 8.69 -13.12 -3.06
C GLU A 40 7.98 -13.99 -1.99
N ILE A 41 6.66 -14.11 -2.08
CA ILE A 41 5.89 -14.78 -1.02
C ILE A 41 6.26 -16.26 -0.94
N GLU A 42 6.44 -16.91 -2.10
CA GLU A 42 6.72 -18.36 -2.05
C GLU A 42 8.03 -18.66 -1.34
N GLN A 43 9.07 -17.87 -1.63
CA GLN A 43 10.37 -18.08 -0.98
C GLN A 43 10.25 -17.85 0.53
N PHE A 44 9.50 -16.81 0.92
CA PHE A 44 9.24 -16.52 2.36
C PHE A 44 8.59 -17.73 3.06
N ALA A 45 7.51 -18.27 2.48
CA ALA A 45 6.79 -19.44 3.07
C ALA A 45 7.73 -20.65 3.16
N GLU A 46 8.50 -20.84 2.09
CA GLU A 46 9.44 -21.96 1.96
C GLU A 46 10.47 -21.87 3.04
N THR A 47 11.07 -20.69 3.24
CA THR A 47 12.10 -20.51 4.29
C THR A 47 11.49 -20.72 5.68
N LEU A 48 10.32 -20.12 5.94
CA LEU A 48 9.64 -20.36 7.21
C LEU A 48 9.34 -21.87 7.47
N ASN A 49 8.94 -22.61 6.41
CA ASN A 49 8.71 -24.03 6.57
C ASN A 49 9.94 -24.79 7.09
N GLY A 50 11.13 -24.33 6.71
CA GLY A 50 12.39 -25.00 7.13
C GLY A 50 12.80 -24.61 8.53
N CYS A 51 12.36 -23.44 8.99
CA CYS A 51 12.85 -22.98 10.27
C CYS A 51 11.82 -22.87 11.38
N VAL A 52 10.54 -22.77 11.07
CA VAL A 52 9.50 -22.68 12.11
C VAL A 52 9.05 -24.10 12.42
N THR A 53 9.65 -24.66 13.45
CA THR A 53 9.44 -26.07 13.81
C THR A 53 8.82 -26.29 15.19
N THR A 54 8.76 -25.22 16.00
CA THR A 54 8.19 -25.30 17.36
C THR A 54 6.90 -24.49 17.53
N ASP A 55 6.07 -24.93 18.49
CA ASP A 55 4.89 -24.16 18.93
C ASP A 55 5.30 -22.71 19.21
N ASP A 56 6.45 -22.54 19.85
CA ASP A 56 7.03 -21.26 20.23
CA ASP A 56 6.88 -21.20 20.21
C ASP A 56 7.42 -20.37 19.03
N ALA A 57 8.05 -21.01 18.05
CA ALA A 57 8.47 -20.28 16.85
C ALA A 57 7.20 -19.86 16.09
N LEU A 58 6.20 -20.75 16.01
CA LEU A 58 4.92 -20.39 15.34
C LEU A 58 4.27 -19.17 16.04
N GLN A 59 4.30 -19.18 17.38
CA GLN A 59 3.67 -18.11 18.14
CA GLN A 59 3.67 -18.10 18.16
C GLN A 59 4.38 -16.77 17.92
N GLU A 60 5.72 -16.82 17.81
CA GLU A 60 6.48 -15.62 17.58
C GLU A 60 6.27 -15.06 16.16
N LEU A 61 6.21 -15.94 15.15
CA LEU A 61 5.83 -15.51 13.78
C LEU A 61 4.49 -14.75 13.77
N VAL A 62 3.47 -15.36 14.37
CA VAL A 62 2.14 -14.74 14.52
C VAL A 62 2.23 -13.35 15.16
N GLU A 63 2.89 -13.27 16.32
CA GLU A 63 3.12 -11.97 17.00
C GLU A 63 3.79 -10.90 16.16
N LEU A 64 4.85 -11.25 15.43
CA LEU A 64 5.52 -10.28 14.57
C LEU A 64 4.62 -9.77 13.48
N ILE A 65 3.88 -10.65 12.86
CA ILE A 65 3.02 -10.17 11.77
C ILE A 65 1.88 -9.37 12.34
N TYR A 66 1.31 -9.87 13.43
CA TYR A 66 0.24 -9.15 14.16
C TYR A 66 0.64 -7.73 14.56
N GLN A 67 1.84 -7.58 15.14
CA GLN A 67 2.39 -6.24 15.42
C GLN A 67 2.55 -5.34 14.20
N GLN A 68 3.06 -5.88 13.10
CA GLN A 68 3.25 -5.03 11.91
C GLN A 68 1.89 -4.53 11.44
N ALA A 69 0.92 -5.44 11.40
CA ALA A 69 -0.39 -5.14 10.88
C ALA A 69 -1.13 -4.09 11.71
N THR A 70 -0.79 -3.97 12.99
CA THR A 70 -1.57 -3.13 13.90
C THR A 70 -0.79 -1.90 14.28
N SER A 71 0.48 -1.88 13.90
CA SER A 71 1.30 -0.71 14.06
C SER A 71 1.31 -0.12 12.66
N ILE A 72 2.49 0.14 12.11
CA ILE A 72 2.71 0.44 10.70
C ILE A 72 1.46 0.81 9.89
N PRO A 73 1.31 2.11 9.57
CA PRO A 73 0.18 2.60 8.79
C PRO A 73 0.12 1.88 7.46
N ASN A 74 -1.09 1.73 6.94
CA ASN A 74 -1.32 1.20 5.59
C ASN A 74 -0.80 -0.24 5.43
N PHE A 75 -0.82 -1.00 6.53
CA PHE A 75 -0.46 -2.43 6.47
C PHE A 75 -1.64 -3.36 6.68
N SER A 76 -2.84 -2.82 6.78
CA SER A 76 -4.10 -3.59 6.93
C SER A 76 -4.27 -4.69 5.90
N TYR A 77 -4.31 -4.24 4.64
CA TYR A 77 -4.54 -5.11 3.53
C TYR A 77 -3.39 -6.10 3.37
N MET A 78 -2.17 -5.58 3.39
CA MET A 78 -1.02 -6.47 3.18
C MET A 78 -0.92 -7.51 4.31
N GLY A 79 -1.08 -7.04 5.55
CA GLY A 79 -1.13 -7.90 6.75
C GLY A 79 -2.08 -9.09 6.57
N ALA A 80 -3.31 -8.78 6.22
CA ALA A 80 -4.36 -9.75 6.11
C ALA A 80 -4.07 -10.69 4.94
N ARG A 81 -3.54 -10.15 3.84
CA ARG A 81 -3.27 -10.98 2.66
C ARG A 81 -2.15 -11.98 3.03
N LEU A 82 -1.14 -11.46 3.72
CA LEU A 82 -0.01 -12.29 4.18
C LEU A 82 -0.51 -13.36 5.18
N CYS A 83 -1.36 -12.96 6.13
CA CYS A 83 -1.94 -13.91 7.07
C CYS A 83 -2.70 -15.03 6.39
N ASN A 84 -3.54 -14.67 5.43
CA ASN A 84 -4.25 -15.71 4.71
C ASN A 84 -3.31 -16.64 3.97
N TYR A 85 -2.34 -16.09 3.26
CA TYR A 85 -1.34 -16.90 2.52
C TYR A 85 -0.64 -17.91 3.45
N LEU A 86 -0.15 -17.43 4.58
CA LEU A 86 0.64 -18.30 5.47
C LEU A 86 -0.28 -19.32 6.13
N SER A 87 -1.55 -18.97 6.33
CA SER A 87 -2.46 -19.91 6.96
C SER A 87 -2.64 -21.14 6.04
N HIS A 88 -2.54 -20.96 4.73
CA HIS A 88 -2.62 -22.05 3.76
C HIS A 88 -1.29 -22.63 3.31
N HIS A 89 -0.20 -21.88 3.45
CA HIS A 89 1.04 -22.38 2.90
C HIS A 89 2.10 -22.85 3.92
N LEU A 90 1.97 -22.50 5.19
CA LEU A 90 2.89 -23.02 6.21
C LEU A 90 2.48 -24.50 6.44
N THR A 91 3.47 -25.39 6.55
CA THR A 91 3.19 -26.80 6.73
C THR A 91 3.09 -27.19 8.21
N ILE A 92 3.70 -26.42 9.10
CA ILE A 92 3.65 -26.74 10.54
C ILE A 92 2.18 -26.75 11.04
N SER A 93 1.82 -27.78 11.81
CA SER A 93 0.50 -27.88 12.40
C SER A 93 0.69 -28.42 13.82
N PRO A 94 1.14 -27.57 14.75
CA PRO A 94 1.45 -28.07 16.08
C PRO A 94 0.17 -28.40 16.82
N GLN A 95 0.29 -29.27 17.85
CA GLN A 95 -0.84 -29.67 18.69
C GLN A 95 -1.61 -28.48 19.27
N SER A 96 -0.91 -27.40 19.57
CA SER A 96 -1.54 -26.32 20.29
C SER A 96 -2.25 -25.28 19.41
N GLY A 97 -2.17 -25.42 18.10
CA GLY A 97 -2.92 -24.49 17.25
C GLY A 97 -2.13 -24.22 15.99
N ASN A 98 -2.82 -24.11 14.86
CA ASN A 98 -2.12 -23.67 13.65
C ASN A 98 -2.06 -22.12 13.54
N PHE A 99 -1.48 -21.64 12.47
CA PHE A 99 -1.34 -20.21 12.24
C PHE A 99 -2.64 -19.43 12.36
N ARG A 100 -3.68 -19.88 11.70
CA ARG A 100 -4.94 -19.43 11.60
CA ARG A 100 -4.93 -19.27 11.67
C ARG A 100 -5.51 -19.14 13.14
N GLN A 101 -5.46 -20.26 13.82
CA GLN A 101 -5.99 -20.45 15.15
C GLN A 101 -5.28 -19.52 16.10
N LEU A 102 -3.97 -19.53 16.12
CA LEU A 102 -3.21 -18.59 16.92
C LEU A 102 -3.46 -17.11 16.57
N LEU A 103 -3.64 -16.81 15.31
CA LEU A 103 -3.92 -15.46 14.90
C LEU A 103 -5.24 -14.98 15.46
N LEU A 104 -6.25 -15.80 15.30
CA LEU A 104 -7.58 -15.50 15.74
C LEU A 104 -7.67 -15.32 17.26
N GLN A 105 -6.96 -16.17 17.99
CA GLN A 105 -6.74 -16.00 19.42
C GLN A 105 -6.11 -14.65 19.71
N ARG A 106 -5.10 -14.28 18.97
CA ARG A 106 -4.39 -13.05 19.28
C ARG A 106 -5.23 -11.81 19.08
N CYS A 107 -6.16 -11.88 18.14
CA CYS A 107 -7.07 -10.81 17.79
C CYS A 107 -8.11 -10.58 18.88
N ARG A 108 -8.45 -11.64 19.61
CA ARG A 108 -9.41 -11.58 20.69
C ARG A 108 -8.79 -10.89 21.87
N THR A 109 -7.51 -11.06 22.05
CA THR A 109 -6.77 -10.35 23.07
C THR A 109 -6.91 -8.82 22.99
N GLU A 110 -6.54 -8.21 21.86
CA GLU A 110 -6.76 -6.73 21.76
CA GLU A 110 -6.76 -6.73 21.77
C GLU A 110 -8.27 -6.46 21.70
N TYR A 111 -9.09 -7.28 21.09
CA TYR A 111 -10.46 -6.93 20.90
C TYR A 111 -11.19 -6.78 22.24
N GLU A 112 -10.71 -7.49 23.24
CA GLU A 112 -11.25 -7.38 24.59
C GLU A 112 -11.14 -6.00 25.24
N VAL A 113 -10.17 -5.19 24.86
CA VAL A 113 -10.09 -3.83 25.37
C VAL A 113 -10.60 -2.71 24.45
N LYS A 114 -11.50 -3.02 23.53
CA LYS A 114 -11.97 -2.05 22.57
C LYS A 114 -12.80 -0.88 23.12
N ASP A 115 -13.57 -1.11 24.16
CA ASP A 115 -14.32 -0.04 24.79
C ASP A 115 -13.38 1.02 25.32
N GLN A 116 -12.26 0.64 25.88
CA GLN A 116 -11.32 1.64 26.33
C GLN A 116 -10.53 2.25 25.14
N ALA A 117 -10.14 1.40 24.19
CA ALA A 117 -9.35 1.83 23.05
C ALA A 117 -9.99 2.96 22.23
N ALA A 118 -11.33 3.06 22.25
CA ALA A 118 -11.99 4.04 21.40
C ALA A 118 -12.04 5.40 22.07
N LYS A 119 -11.59 5.46 23.33
CA LYS A 119 -11.42 6.76 24.01
C LYS A 119 -9.96 7.24 23.89
N GLY A 120 -9.33 7.66 24.97
CA GLY A 120 -7.92 8.12 24.90
C GLY A 120 -7.77 9.34 24.03
N ASP A 121 -6.65 9.46 23.32
CA ASP A 121 -6.45 10.63 22.47
C ASP A 121 -6.20 10.16 21.06
N GLU A 122 -6.26 11.09 20.11
CA GLU A 122 -6.28 10.79 18.68
C GLU A 122 -5.03 10.05 18.22
N VAL A 123 -3.89 10.38 18.80
CA VAL A 123 -2.67 9.66 18.44
C VAL A 123 -2.69 8.20 18.91
N THR A 124 -3.08 7.96 20.16
CA THR A 124 -3.19 6.58 20.67
C THR A 124 -4.21 5.79 19.83
N ARG A 125 -5.31 6.44 19.39
CA ARG A 125 -6.37 5.79 18.61
C ARG A 125 -5.93 5.37 17.21
N LYS A 126 -4.80 5.86 16.72
CA LYS A 126 -4.31 5.44 15.38
C LYS A 126 -4.03 3.94 15.37
N ARG A 127 -3.45 3.47 16.47
CA ARG A 127 -3.18 2.05 16.63
C ARG A 127 -4.51 1.23 16.71
N PHE A 128 -5.47 1.69 17.52
CA PHE A 128 -6.80 1.07 17.52
C PHE A 128 -7.41 1.02 16.10
N HIS A 129 -7.30 2.09 15.33
CA HIS A 129 -7.91 2.09 13.99
C HIS A 129 -7.17 1.13 13.04
N ALA A 130 -5.87 1.00 13.24
CA ALA A 130 -5.09 0.11 12.43
C ALA A 130 -5.55 -1.30 12.74
N PHE A 131 -5.79 -1.58 14.03
CA PHE A 131 -6.35 -2.90 14.49
C PHE A 131 -7.73 -3.14 13.89
N VAL A 132 -8.63 -2.17 14.00
CA VAL A 132 -9.98 -2.32 13.42
C VAL A 132 -9.92 -2.70 11.91
N LEU A 133 -9.18 -1.94 11.11
CA LEU A 133 -9.10 -2.19 9.67
C LEU A 133 -8.32 -3.45 9.33
N PHE A 134 -7.34 -3.82 10.15
CA PHE A 134 -6.68 -5.11 9.93
C PHE A 134 -7.71 -6.20 10.11
N LEU A 135 -8.55 -6.08 11.15
CA LEU A 135 -9.60 -7.13 11.36
C LEU A 135 -10.64 -7.13 10.24
N GLY A 136 -10.99 -5.96 9.72
CA GLY A 136 -11.94 -5.90 8.59
C GLY A 136 -11.35 -6.62 7.37
N GLU A 137 -10.09 -6.32 7.06
CA GLU A 137 -9.42 -6.96 5.89
C GLU A 137 -9.26 -8.48 6.13
N LEU A 138 -8.99 -8.86 7.36
CA LEU A 138 -8.87 -10.27 7.69
C LEU A 138 -10.21 -11.02 7.52
N TYR A 139 -11.27 -10.40 7.97
CA TYR A 139 -12.59 -10.96 7.81
C TYR A 139 -12.88 -11.19 6.32
N LEU A 140 -12.53 -10.21 5.47
CA LEU A 140 -12.84 -10.36 4.06
C LEU A 140 -11.94 -11.41 3.44
N ASN A 141 -10.68 -11.43 3.85
CA ASN A 141 -9.68 -12.21 3.09
C ASN A 141 -9.22 -13.50 3.72
N LEU A 142 -9.44 -13.68 5.01
CA LEU A 142 -9.01 -14.93 5.65
C LEU A 142 -10.06 -16.02 5.27
N GLU A 143 -9.65 -16.98 4.42
CA GLU A 143 -10.54 -18.08 3.97
C GLU A 143 -10.36 -19.26 4.89
N ILE A 144 -11.46 -19.80 5.41
CA ILE A 144 -11.40 -21.00 6.26
C ILE A 144 -12.22 -22.11 5.59
N LYS A 145 -11.66 -23.32 5.50
CA LYS A 145 -12.47 -24.49 5.07
C LYS A 145 -13.59 -24.73 6.09
N GLY A 146 -14.85 -24.54 5.68
CA GLY A 146 -15.99 -24.74 6.63
C GLY A 146 -16.25 -26.19 7.10
N THR A 147 -17.18 -26.34 8.04
CA THR A 147 -17.63 -27.69 8.53
C THR A 147 -18.19 -28.63 7.42
N ASN A 148 -18.77 -28.01 6.39
CA ASN A 148 -19.30 -28.71 5.22
C ASN A 148 -18.27 -28.80 4.08
N GLY A 149 -17.00 -28.45 4.39
CA GLY A 149 -15.94 -28.39 3.36
C GLY A 149 -15.93 -27.17 2.42
N GLN A 150 -16.89 -26.26 2.57
CA GLN A 150 -16.93 -25.05 1.73
C GLN A 150 -16.12 -23.94 2.38
N VAL A 151 -15.52 -23.07 1.56
CA VAL A 151 -14.86 -21.85 2.07
C VAL A 151 -15.84 -20.97 2.86
N THR A 152 -15.41 -20.53 4.02
CA THR A 152 -16.23 -19.71 4.88
C THR A 152 -15.36 -18.58 5.44
N ARG A 153 -15.98 -17.62 6.12
CA ARG A 153 -15.25 -16.55 6.81
C ARG A 153 -15.21 -16.82 8.29
N ALA A 154 -14.28 -16.19 8.99
CA ALA A 154 -14.17 -16.33 10.44
C ALA A 154 -15.29 -15.65 11.26
N ASP A 155 -15.99 -16.46 12.06
CA ASP A 155 -17.12 -16.01 12.86
C ASP A 155 -16.77 -15.00 13.88
N ILE A 156 -15.71 -15.31 14.59
CA ILE A 156 -15.25 -14.44 15.64
C ILE A 156 -14.91 -13.02 15.12
N LEU A 157 -14.60 -12.94 13.82
CA LEU A 157 -14.31 -11.64 13.22
C LEU A 157 -15.61 -10.95 12.87
N GLN A 158 -16.62 -11.70 12.41
CA GLN A 158 -17.93 -11.12 12.11
C GLN A 158 -18.48 -10.45 13.38
N VAL A 159 -18.31 -11.14 14.51
CA VAL A 159 -18.83 -10.66 15.79
C VAL A 159 -18.02 -9.47 16.28
N GLY A 160 -16.70 -9.59 16.20
CA GLY A 160 -15.80 -8.53 16.58
C GLY A 160 -16.05 -7.25 15.78
N LEU A 161 -16.26 -7.36 14.47
CA LEU A 161 -16.48 -6.15 13.69
C LEU A 161 -17.73 -5.38 14.17
N ARG A 162 -18.81 -6.10 14.49
CA ARG A 162 -20.05 -5.45 14.97
C ARG A 162 -19.78 -4.67 16.28
N GLU A 163 -19.05 -5.30 17.19
CA GLU A 163 -18.70 -4.68 18.45
C GLU A 163 -17.72 -3.53 18.32
N LEU A 164 -16.78 -3.63 17.39
CA LEU A 164 -15.89 -2.52 17.10
C LEU A 164 -16.66 -1.32 16.54
N LEU A 165 -17.60 -1.58 15.64
CA LEU A 165 -18.41 -0.51 15.11
C LEU A 165 -19.16 0.18 16.27
N ASN A 166 -19.73 -0.63 17.19
CA ASN A 166 -20.46 -0.07 18.36
C ASN A 166 -19.55 0.86 19.19
N ALA A 167 -18.31 0.41 19.45
CA ALA A 167 -17.31 1.23 20.16
C ALA A 167 -16.96 2.53 19.45
N LEU A 168 -16.79 2.46 18.11
CA LEU A 168 -16.43 3.65 17.33
C LEU A 168 -17.60 4.66 17.35
N PHE A 169 -18.84 4.19 17.21
CA PHE A 169 -19.99 5.14 17.19
C PHE A 169 -20.28 5.73 18.57
N SER A 170 -19.90 5.01 19.62
CA SER A 170 -20.10 5.43 21.02
C SER A 170 -19.16 6.48 21.50
N ASN A 171 -18.05 6.67 20.76
CA ASN A 171 -17.11 7.71 20.98
CA ASN A 171 -17.16 7.83 20.99
C ASN A 171 -16.96 8.51 19.65
N PRO A 172 -17.97 9.38 19.30
CA PRO A 172 -18.08 9.92 17.94
C PRO A 172 -17.19 11.13 17.64
N MET A 173 -15.91 10.97 17.96
CA MET A 173 -14.84 11.85 17.50
CA MET A 173 -14.89 11.88 17.51
C MET A 173 -14.67 11.64 16.01
N ASP A 174 -14.35 12.70 15.25
CA ASP A 174 -14.10 12.55 13.78
C ASP A 174 -13.23 11.33 13.38
N ASP A 175 -12.11 11.11 14.05
CA ASP A 175 -11.18 10.07 13.55
C ASP A 175 -11.79 8.68 13.82
N ASN A 176 -12.55 8.52 14.90
CA ASN A 176 -13.27 7.25 15.16
C ASN A 176 -14.36 6.97 14.10
N LEU A 177 -15.09 8.03 13.77
CA LEU A 177 -16.12 7.94 12.76
C LEU A 177 -15.55 7.68 11.37
N ILE A 178 -14.42 8.32 11.04
CA ILE A 178 -13.78 8.06 9.78
C ILE A 178 -13.34 6.57 9.70
N CYS A 179 -12.81 6.03 10.79
CA CYS A 179 -12.46 4.62 10.85
C CYS A 179 -13.71 3.73 10.59
N ALA A 180 -14.83 4.09 11.21
CA ALA A 180 -16.05 3.27 11.03
C ALA A 180 -16.52 3.33 9.57
N VAL A 181 -16.39 4.52 8.96
CA VAL A 181 -16.79 4.71 7.56
C VAL A 181 -15.95 3.82 6.69
N LYS A 182 -14.63 3.84 6.90
CA LYS A 182 -13.76 2.97 6.14
C LYS A 182 -14.07 1.52 6.31
N LEU A 183 -14.32 1.11 7.54
CA LEU A 183 -14.56 -0.29 7.82
C LEU A 183 -15.87 -0.75 7.11
N LEU A 184 -16.90 0.10 7.20
CA LEU A 184 -18.15 -0.23 6.51
C LEU A 184 -18.09 -0.16 5.00
N LYS A 185 -17.33 0.76 4.43
CA LYS A 185 -17.08 0.73 2.95
C LYS A 185 -16.41 -0.58 2.60
N LEU A 186 -15.47 -1.01 3.43
CA LEU A 186 -14.74 -2.26 3.21
C LEU A 186 -15.57 -3.54 3.35
N THR A 187 -16.31 -3.64 4.44
CA THR A 187 -16.87 -4.92 4.81
C THR A 187 -18.39 -4.89 4.85
N GLY A 188 -18.97 -3.72 4.61
CA GLY A 188 -20.40 -3.51 4.86
C GLY A 188 -21.33 -4.41 4.02
N SER A 189 -21.07 -4.54 2.73
CA SER A 189 -21.92 -5.40 1.94
C SER A 189 -21.77 -6.89 2.35
N VAL A 190 -20.53 -7.36 2.60
CA VAL A 190 -20.34 -8.74 3.06
C VAL A 190 -21.02 -8.96 4.42
N LEU A 191 -20.86 -8.04 5.36
CA LEU A 191 -21.60 -8.11 6.62
C LEU A 191 -23.12 -8.17 6.45
N GLU A 192 -23.66 -7.23 5.67
CA GLU A 192 -25.10 -7.17 5.35
C GLU A 192 -25.63 -8.53 4.88
N ASP A 193 -24.95 -9.13 3.91
CA ASP A 193 -25.30 -10.44 3.39
C ASP A 193 -25.28 -11.54 4.45
N ALA A 194 -24.25 -11.55 5.30
CA ALA A 194 -24.11 -12.59 6.31
C ALA A 194 -25.17 -12.46 7.41
N TRP A 195 -25.47 -11.23 7.82
CA TRP A 195 -26.49 -10.98 8.83
C TRP A 195 -27.86 -11.39 8.32
N LYS A 196 -28.15 -11.04 7.08
CA LYS A 196 -29.42 -11.40 6.44
C LYS A 196 -29.61 -12.92 6.25
N GLU A 197 -28.58 -13.64 5.81
CA GLU A 197 -28.65 -15.11 5.72
C GLU A 197 -29.14 -15.73 7.04
N LYS A 198 -28.71 -15.15 8.17
CA LYS A 198 -29.05 -15.65 9.50
C LYS A 198 -30.22 -14.91 10.17
N GLY A 199 -30.97 -14.12 9.39
CA GLY A 199 -32.09 -13.30 9.88
C GLY A 199 -31.79 -12.35 11.03
N LYS A 200 -30.57 -11.81 11.05
CA LYS A 200 -30.15 -10.87 12.09
C LYS A 200 -30.47 -9.41 11.69
N MET A 201 -30.67 -8.53 12.68
CA MET A 201 -31.07 -7.13 12.45
C MET A 201 -29.92 -6.15 12.71
N ASP A 202 -28.69 -6.63 12.67
CA ASP A 202 -27.51 -5.79 12.97
C ASP A 202 -27.38 -4.58 12.05
N MET A 203 -27.66 -4.74 10.76
CA MET A 203 -27.46 -3.62 9.84
C MET A 203 -28.44 -2.48 10.17
N GLU A 204 -29.69 -2.85 10.46
CA GLU A 204 -30.70 -1.92 10.99
CA GLU A 204 -30.67 -1.89 10.93
C GLU A 204 -30.22 -1.18 12.23
N GLU A 205 -29.65 -1.95 13.16
CA GLU A 205 -29.15 -1.37 14.42
C GLU A 205 -27.98 -0.41 14.17
N ILE A 206 -27.05 -0.81 13.29
CA ILE A 206 -25.92 0.04 12.88
C ILE A 206 -26.45 1.34 12.23
N ILE A 207 -27.39 1.20 11.31
CA ILE A 207 -28.00 2.36 10.68
C ILE A 207 -28.60 3.31 11.74
N GLN A 208 -29.26 2.77 12.77
CA GLN A 208 -29.82 3.68 13.82
C GLN A 208 -28.73 4.37 14.59
N ARG A 209 -27.64 3.64 14.88
CA ARG A 209 -26.50 4.24 15.54
C ARG A 209 -25.90 5.38 14.75
N ILE A 210 -25.73 5.15 13.44
CA ILE A 210 -25.19 6.18 12.53
C ILE A 210 -26.10 7.42 12.49
N GLU A 211 -27.40 7.19 12.36
CA GLU A 211 -28.39 8.29 12.39
C GLU A 211 -28.31 9.08 13.71
N ASN A 212 -28.16 8.40 14.85
CA ASN A 212 -28.04 9.12 16.14
C ASN A 212 -26.76 9.97 16.23
N VAL A 213 -25.65 9.44 15.74
CA VAL A 213 -24.43 10.26 15.56
C VAL A 213 -24.70 11.55 14.76
N VAL A 214 -25.28 11.39 13.57
CA VAL A 214 -25.57 12.51 12.69
C VAL A 214 -26.51 13.53 13.37
N LEU A 215 -27.51 13.04 14.10
CA LEU A 215 -28.46 13.92 14.82
C LEU A 215 -27.79 14.66 16.00
N ASP A 216 -26.89 13.97 16.73
CA ASP A 216 -26.51 14.35 18.10
C ASP A 216 -25.07 14.76 18.31
N ALA A 217 -24.16 14.20 17.51
CA ALA A 217 -22.74 14.30 17.78
C ALA A 217 -22.21 15.64 17.36
N ASN A 218 -21.20 16.10 18.07
CA ASN A 218 -20.48 17.33 17.71
C ASN A 218 -19.26 17.07 16.81
N CYS A 219 -19.38 16.16 15.84
CA CYS A 219 -18.33 15.93 14.84
C CYS A 219 -18.48 16.85 13.63
N SER A 220 -17.52 16.80 12.71
CA SER A 220 -17.52 17.69 11.55
C SER A 220 -18.67 17.39 10.62
N ARG A 221 -19.08 18.42 9.88
CA ARG A 221 -20.12 18.30 8.86
C ARG A 221 -19.74 17.28 7.80
N ASP A 222 -18.51 17.38 7.27
CA ASP A 222 -18.13 16.43 6.23
C ASP A 222 -18.16 14.95 6.69
N VAL A 223 -17.87 14.71 7.97
CA VAL A 223 -17.91 13.33 8.50
C VAL A 223 -19.40 12.91 8.56
N LYS A 224 -20.26 13.80 9.01
CA LYS A 224 -21.70 13.51 9.03
C LYS A 224 -22.19 13.18 7.64
N GLN A 225 -21.72 13.90 6.64
CA GLN A 225 -22.14 13.67 5.25
C GLN A 225 -21.63 12.32 4.74
N MET A 226 -20.42 11.95 5.13
CA MET A 226 -19.91 10.59 4.86
C MET A 226 -20.78 9.53 5.48
N LEU A 227 -21.16 9.71 6.75
CA LEU A 227 -22.10 8.76 7.40
C LEU A 227 -23.43 8.68 6.65
N LEU A 228 -23.92 9.81 6.17
CA LEU A 228 -25.22 9.81 5.48
C LEU A 228 -25.18 9.05 4.16
N LYS A 229 -24.05 9.14 3.44
CA LYS A 229 -23.86 8.33 2.26
C LYS A 229 -23.96 6.83 2.53
N LEU A 230 -23.47 6.37 3.70
CA LEU A 230 -23.62 4.98 4.04
C LEU A 230 -25.06 4.59 4.28
N VAL A 231 -25.84 5.47 4.90
CA VAL A 231 -27.26 5.20 5.13
C VAL A 231 -28.01 5.02 3.80
N GLU A 232 -27.67 5.76 2.76
CA GLU A 232 -28.27 5.52 1.44
C GLU A 232 -28.03 4.07 0.93
N LEU A 233 -26.77 3.62 1.01
CA LEU A 233 -26.31 2.34 0.41
C LEU A 233 -26.75 1.05 1.13
N ARG A 234 -26.80 1.09 2.47
CA ARG A 234 -27.08 -0.11 3.29
C ARG A 234 -28.53 -0.22 3.75
N THR B 18 -18.19 15.73 -11.83
CA THR B 18 -17.14 16.16 -12.79
C THR B 18 -16.14 15.02 -12.95
N LEU B 19 -15.27 15.14 -13.94
CA LEU B 19 -14.24 14.09 -14.19
C LEU B 19 -13.32 14.05 -12.96
N SER B 20 -12.96 15.25 -12.52
CA SER B 20 -12.15 15.46 -11.34
C SER B 20 -12.68 14.74 -10.10
N GLU B 21 -13.97 14.93 -9.82
CA GLU B 21 -14.59 14.34 -8.66
C GLU B 21 -14.67 12.81 -8.76
N TYR B 22 -14.99 12.29 -9.94
CA TYR B 22 -15.13 10.86 -10.14
C TYR B 22 -13.77 10.19 -9.90
N VAL B 23 -12.74 10.80 -10.49
CA VAL B 23 -11.38 10.28 -10.51
C VAL B 23 -10.77 10.34 -9.10
N GLN B 24 -10.82 11.51 -8.47
CA GLN B 24 -10.33 11.64 -7.10
C GLN B 24 -11.01 10.65 -6.17
N ASP B 25 -12.34 10.48 -6.32
CA ASP B 25 -13.04 9.52 -5.43
C ASP B 25 -12.44 8.12 -5.63
N PHE B 26 -12.24 7.71 -6.88
CA PHE B 26 -11.60 6.39 -7.15
C PHE B 26 -10.17 6.28 -6.61
N LEU B 27 -9.34 7.29 -6.84
CA LEU B 27 -8.00 7.33 -6.22
C LEU B 27 -8.04 7.21 -4.68
N ASN B 28 -8.93 7.97 -4.05
CA ASN B 28 -9.08 7.88 -2.60
C ASN B 28 -9.44 6.44 -2.18
N HIS B 29 -10.39 5.85 -2.93
CA HIS B 29 -10.82 4.47 -2.72
C HIS B 29 -9.66 3.45 -2.85
N LEU B 30 -8.86 3.58 -3.92
CA LEU B 30 -7.67 2.74 -4.09
C LEU B 30 -6.71 2.88 -2.94
N THR B 31 -6.59 4.09 -2.42
CA THR B 31 -5.59 4.38 -1.41
C THR B 31 -6.00 3.67 -0.09
N GLU B 32 -7.29 3.76 0.20
CA GLU B 32 -7.86 3.18 1.42
C GLU B 32 -8.04 1.69 1.35
N GLN B 33 -8.36 1.21 0.16
CA GLN B 33 -8.65 -0.19 -0.10
C GLN B 33 -7.80 -0.72 -1.25
N PRO B 34 -6.50 -1.00 -1.01
CA PRO B 34 -5.58 -1.44 -2.08
C PRO B 34 -6.11 -2.72 -2.70
N GLY B 35 -6.78 -3.55 -1.89
CA GLY B 35 -7.43 -4.76 -2.43
C GLY B 35 -8.55 -4.58 -3.44
N SER B 36 -9.07 -3.36 -3.58
CA SER B 36 -10.22 -3.15 -4.47
C SER B 36 -9.80 -2.99 -5.94
N PHE B 37 -8.50 -2.86 -6.23
CA PHE B 37 -8.04 -2.66 -7.61
C PHE B 37 -8.62 -3.71 -8.60
N GLU B 38 -8.48 -5.00 -8.28
CA GLU B 38 -8.84 -6.03 -9.25
C GLU B 38 -10.35 -6.06 -9.58
N THR B 39 -11.21 -5.88 -8.59
CA THR B 39 -12.63 -5.94 -8.87
C THR B 39 -13.22 -4.66 -9.47
N GLU B 40 -12.56 -3.52 -9.26
CA GLU B 40 -13.14 -2.24 -9.67
C GLU B 40 -12.49 -1.55 -10.86
N ILE B 41 -11.29 -2.00 -11.22
CA ILE B 41 -10.49 -1.30 -12.22
C ILE B 41 -11.16 -1.30 -13.62
N GLU B 42 -11.80 -2.40 -13.99
CA GLU B 42 -12.41 -2.48 -15.33
C GLU B 42 -13.54 -1.47 -15.53
N GLN B 43 -14.39 -1.33 -14.53
CA GLN B 43 -15.46 -0.34 -14.57
C GLN B 43 -14.88 1.07 -14.60
N PHE B 44 -13.79 1.30 -13.86
CA PHE B 44 -13.11 2.63 -13.93
C PHE B 44 -12.71 2.94 -15.37
N ALA B 45 -11.97 2.04 -16.01
CA ALA B 45 -11.54 2.29 -17.39
C ALA B 45 -12.74 2.50 -18.36
N GLU B 46 -13.76 1.66 -18.22
CA GLU B 46 -14.97 1.74 -19.07
CA GLU B 46 -14.95 1.74 -19.09
C GLU B 46 -15.63 3.11 -18.94
N THR B 47 -15.81 3.58 -17.71
CA THR B 47 -16.45 4.92 -17.49
C THR B 47 -15.57 6.04 -18.04
N LEU B 48 -14.26 5.96 -17.77
CA LEU B 48 -13.35 6.91 -18.44
C LEU B 48 -13.42 6.88 -19.99
N ASN B 49 -13.55 5.70 -20.59
CA ASN B 49 -13.61 5.63 -22.06
C ASN B 49 -14.86 6.37 -22.64
N GLY B 50 -15.93 6.39 -21.86
CA GLY B 50 -17.16 7.07 -22.25
C GLY B 50 -17.07 8.58 -22.07
N CYS B 51 -16.34 9.06 -21.06
CA CYS B 51 -16.29 10.52 -20.84
C CYS B 51 -15.00 11.27 -21.15
N VAL B 52 -13.86 10.62 -21.28
CA VAL B 52 -12.64 11.35 -21.62
C VAL B 52 -12.54 11.42 -23.15
N THR B 53 -12.85 12.58 -23.75
CA THR B 53 -12.86 12.63 -25.21
C THR B 53 -11.96 13.70 -25.85
N THR B 54 -11.17 14.39 -25.04
CA THR B 54 -10.33 15.47 -25.57
C THR B 54 -8.95 15.40 -24.97
N ASP B 55 -7.98 16.00 -25.67
CA ASP B 55 -6.62 16.22 -25.17
C ASP B 55 -6.62 16.74 -23.72
N ASP B 56 -7.49 17.71 -23.44
CA ASP B 56 -7.49 18.37 -22.13
C ASP B 56 -8.01 17.46 -21.02
N ALA B 57 -9.01 16.65 -21.32
CA ALA B 57 -9.61 15.81 -20.29
C ALA B 57 -8.63 14.68 -19.94
N LEU B 58 -7.91 14.18 -20.95
CA LEU B 58 -6.85 13.19 -20.72
C LEU B 58 -5.75 13.76 -19.89
N GLN B 59 -5.39 15.01 -20.21
CA GLN B 59 -4.33 15.72 -19.51
C GLN B 59 -4.73 15.89 -18.02
N GLU B 60 -5.98 16.27 -17.79
CA GLU B 60 -6.52 16.31 -16.43
C GLU B 60 -6.48 14.96 -15.69
N LEU B 61 -6.95 13.88 -16.34
CA LEU B 61 -6.83 12.53 -15.72
C LEU B 61 -5.40 12.26 -15.31
N VAL B 62 -4.46 12.52 -16.19
CA VAL B 62 -3.03 12.34 -15.90
C VAL B 62 -2.57 13.17 -14.68
N GLU B 63 -2.94 14.45 -14.67
CA GLU B 63 -2.54 15.36 -13.61
C GLU B 63 -3.02 14.82 -12.25
N LEU B 64 -4.27 14.35 -12.22
CA LEU B 64 -4.87 13.86 -10.98
C LEU B 64 -4.16 12.62 -10.46
N ILE B 65 -3.82 11.72 -11.34
CA ILE B 65 -3.15 10.50 -10.95
C ILE B 65 -1.71 10.82 -10.54
N TYR B 66 -1.04 11.67 -11.31
CA TYR B 66 0.33 12.10 -10.99
C TYR B 66 0.42 12.75 -9.59
N GLN B 67 -0.53 13.65 -9.30
CA GLN B 67 -0.65 14.27 -7.95
C GLN B 67 -0.80 13.26 -6.82
N GLN B 68 -1.70 12.31 -6.99
CA GLN B 68 -1.91 11.25 -5.98
C GLN B 68 -0.61 10.47 -5.74
N ALA B 69 0.07 10.15 -6.84
CA ALA B 69 1.22 9.26 -6.79
C ALA B 69 2.41 9.93 -6.14
N THR B 70 2.51 11.25 -6.32
CA THR B 70 3.63 12.03 -5.82
C THR B 70 3.40 12.70 -4.47
N SER B 71 2.12 12.83 -4.06
CA SER B 71 1.81 13.63 -2.86
C SER B 71 1.28 12.78 -1.72
N ILE B 72 0.81 11.57 -2.03
CA ILE B 72 0.06 10.80 -1.04
C ILE B 72 0.92 9.64 -0.71
N PRO B 73 1.19 9.45 0.61
CA PRO B 73 2.05 8.34 1.06
C PRO B 73 1.54 7.03 0.53
N ASN B 74 2.42 6.08 0.22
CA ASN B 74 2.07 4.70 -0.06
CA ASN B 74 1.95 4.71 -0.01
C ASN B 74 1.32 4.52 -1.37
N PHE B 75 1.32 5.56 -2.20
CA PHE B 75 0.64 5.46 -3.48
C PHE B 75 1.61 5.20 -4.66
N SER B 76 2.92 5.09 -4.44
CA SER B 76 3.89 4.90 -5.55
C SER B 76 3.55 3.64 -6.39
N TYR B 77 3.48 2.50 -5.73
CA TYR B 77 3.20 1.24 -6.44
C TYR B 77 1.81 1.28 -7.09
N MET B 78 0.81 1.66 -6.30
CA MET B 78 -0.56 1.61 -6.81
C MET B 78 -0.72 2.60 -8.01
N GLY B 79 -0.12 3.78 -7.86
CA GLY B 79 -0.14 4.81 -8.92
C GLY B 79 0.45 4.23 -10.24
N ALA B 80 1.63 3.62 -10.15
CA ALA B 80 2.30 3.05 -11.31
C ALA B 80 1.50 1.93 -11.98
N ARG B 81 0.97 1.04 -11.14
CA ARG B 81 0.15 -0.07 -11.62
C ARG B 81 -1.08 0.47 -12.36
N LEU B 82 -1.75 1.44 -11.76
CA LEU B 82 -2.89 2.13 -12.39
C LEU B 82 -2.48 2.78 -13.72
N CYS B 83 -1.36 3.50 -13.72
CA CYS B 83 -0.89 4.09 -14.98
C CYS B 83 -0.68 3.05 -16.06
N ASN B 84 -0.03 1.93 -15.72
CA ASN B 84 0.15 0.93 -16.75
C ASN B 84 -1.20 0.39 -17.24
N TYR B 85 -2.09 0.10 -16.30
CA TYR B 85 -3.39 -0.43 -16.69
C TYR B 85 -4.13 0.54 -17.67
N LEU B 86 -4.11 1.83 -17.32
CA LEU B 86 -4.84 2.79 -18.15
C LEU B 86 -4.17 2.92 -19.51
N SER B 87 -2.85 2.76 -19.56
CA SER B 87 -2.16 2.87 -20.83
C SER B 87 -2.57 1.73 -21.80
N HIS B 88 -3.01 0.59 -21.28
CA HIS B 88 -3.57 -0.52 -22.12
C HIS B 88 -5.10 -0.59 -22.25
N HIS B 89 -5.83 0.14 -21.42
CA HIS B 89 -7.27 -0.01 -21.38
C HIS B 89 -8.09 1.25 -21.68
N LEU B 90 -7.43 2.37 -21.86
CA LEU B 90 -8.11 3.60 -22.28
C LEU B 90 -8.05 3.56 -23.82
N THR B 91 -9.19 3.78 -24.45
CA THR B 91 -9.18 3.72 -25.94
C THR B 91 -8.74 5.02 -26.64
N ILE B 92 -8.90 6.15 -25.94
CA ILE B 92 -8.60 7.44 -26.58
C ILE B 92 -7.11 7.54 -27.02
N SER B 93 -6.90 8.19 -28.15
CA SER B 93 -5.53 8.41 -28.60
C SER B 93 -5.42 9.82 -29.19
N PRO B 94 -5.40 10.85 -28.34
CA PRO B 94 -5.46 12.20 -28.90
C PRO B 94 -4.17 12.57 -29.64
N GLN B 95 -4.23 13.67 -30.40
CA GLN B 95 -3.18 14.04 -31.33
C GLN B 95 -1.95 14.50 -30.60
N SER B 96 -2.10 14.96 -29.36
CA SER B 96 -0.96 15.43 -28.60
C SER B 96 -0.25 14.31 -27.84
N GLY B 97 -0.80 13.11 -27.90
CA GLY B 97 -0.14 11.94 -27.29
C GLY B 97 -1.16 11.10 -26.53
N ASN B 98 -0.86 9.84 -26.32
CA ASN B 98 -1.70 9.01 -25.48
C ASN B 98 -1.42 9.16 -23.96
N PHE B 99 -2.15 8.41 -23.16
CA PHE B 99 -2.02 8.47 -21.72
C PHE B 99 -0.57 8.31 -21.26
N ARG B 100 0.11 7.32 -21.80
CA ARG B 100 1.47 7.02 -21.45
C ARG B 100 2.39 8.20 -21.75
N GLN B 101 2.21 8.75 -22.94
CA GLN B 101 2.96 9.89 -23.42
C GLN B 101 2.74 11.18 -22.62
N LEU B 102 1.49 11.51 -22.34
CA LEU B 102 1.17 12.60 -21.47
C LEU B 102 1.72 12.39 -20.06
N LEU B 103 1.67 11.16 -19.56
CA LEU B 103 2.20 10.86 -18.24
C LEU B 103 3.67 11.18 -18.15
N LEU B 104 4.38 10.65 -19.11
CA LEU B 104 5.79 10.85 -19.24
C LEU B 104 6.25 12.31 -19.40
N GLN B 105 5.58 13.11 -20.20
CA GLN B 105 5.63 14.46 -20.32
CA GLN B 105 5.74 14.42 -20.28
C GLN B 105 5.56 15.16 -18.96
N ARG B 106 4.55 14.82 -18.18
CA ARG B 106 4.33 15.39 -16.88
C ARG B 106 5.50 15.13 -15.96
N CYS B 107 6.06 13.95 -16.02
CA CYS B 107 7.24 13.61 -15.24
C CYS B 107 8.48 14.47 -15.51
N ARG B 108 8.69 14.95 -16.72
CA ARG B 108 9.76 15.64 -17.21
CA ARG B 108 9.73 15.67 -17.25
C ARG B 108 9.84 16.93 -16.63
N THR B 109 8.68 17.43 -16.28
CA THR B 109 8.57 18.66 -15.50
C THR B 109 9.30 18.75 -14.16
N GLU B 110 9.06 17.86 -13.22
CA GLU B 110 9.70 17.79 -11.97
CA GLU B 110 9.69 17.75 -11.96
C GLU B 110 11.15 17.26 -12.18
N TYR B 111 11.32 16.41 -13.17
CA TYR B 111 12.62 15.81 -13.41
C TYR B 111 13.65 16.86 -13.80
N GLU B 112 13.28 17.94 -14.45
CA GLU B 112 14.05 19.03 -14.94
CA GLU B 112 14.18 18.90 -14.94
C GLU B 112 14.53 19.73 -13.69
N VAL B 113 14.01 19.73 -12.48
CA VAL B 113 14.61 20.48 -11.42
C VAL B 113 15.29 19.59 -10.39
N LYS B 114 15.58 18.36 -10.75
CA LYS B 114 16.09 17.36 -9.83
C LYS B 114 17.34 17.79 -9.07
N ASP B 115 18.23 18.54 -9.71
CA ASP B 115 19.46 18.92 -9.03
C ASP B 115 19.23 20.00 -7.95
N GLN B 116 18.27 20.85 -8.20
CA GLN B 116 17.86 21.84 -7.24
CA GLN B 116 17.82 21.80 -7.22
C GLN B 116 17.05 21.05 -6.16
N ALA B 117 16.11 20.17 -6.50
CA ALA B 117 15.28 19.56 -5.50
C ALA B 117 16.09 18.76 -4.46
N ALA B 118 17.13 18.12 -4.91
CA ALA B 118 17.90 17.28 -4.07
C ALA B 118 18.71 18.07 -3.04
N LYS B 119 18.94 19.34 -3.30
CA LYS B 119 19.62 20.13 -2.33
CA LYS B 119 19.64 20.17 -2.39
C LYS B 119 18.65 21.24 -1.77
N GLY B 120 17.36 20.95 -1.85
CA GLY B 120 16.37 21.79 -1.24
C GLY B 120 16.22 21.64 0.25
N ASP B 121 15.32 22.40 0.82
CA ASP B 121 14.93 22.22 2.18
C ASP B 121 14.27 20.84 2.37
N GLU B 122 14.08 20.44 3.61
CA GLU B 122 13.63 19.09 3.94
C GLU B 122 12.33 18.72 3.26
N VAL B 123 11.37 19.65 3.22
CA VAL B 123 10.08 19.35 2.64
C VAL B 123 10.20 19.19 1.12
N THR B 124 11.01 20.04 0.50
CA THR B 124 11.28 19.90 -0.94
C THR B 124 11.95 18.53 -1.22
N ARG B 125 12.96 18.17 -0.42
CA ARG B 125 13.59 16.82 -0.56
C ARG B 125 12.59 15.66 -0.38
N LYS B 126 11.72 15.74 0.63
CA LYS B 126 10.73 14.68 0.86
C LYS B 126 9.84 14.52 -0.36
N ARG B 127 9.41 15.62 -0.97
CA ARG B 127 8.57 15.50 -2.17
C ARG B 127 9.36 14.92 -3.33
N PHE B 128 10.62 15.34 -3.46
CA PHE B 128 11.54 14.76 -4.45
C PHE B 128 11.59 13.21 -4.32
N HIS B 129 11.71 12.74 -3.08
CA HIS B 129 11.81 11.28 -2.84
C HIS B 129 10.61 10.52 -3.31
N ALA B 130 9.43 11.10 -3.09
CA ALA B 130 8.20 10.45 -3.55
C ALA B 130 8.11 10.48 -5.08
N PHE B 131 8.53 11.58 -5.70
CA PHE B 131 8.68 11.63 -7.17
C PHE B 131 9.64 10.53 -7.66
N VAL B 132 10.82 10.43 -7.06
CA VAL B 132 11.84 9.44 -7.47
C VAL B 132 11.23 8.02 -7.38
N LEU B 133 10.62 7.69 -6.25
CA LEU B 133 10.13 6.31 -6.04
C LEU B 133 8.91 6.00 -6.90
N PHE B 134 8.08 7.01 -7.21
CA PHE B 134 7.03 6.81 -8.20
C PHE B 134 7.66 6.49 -9.57
N LEU B 135 8.70 7.23 -9.98
CA LEU B 135 9.35 6.92 -11.28
C LEU B 135 9.99 5.53 -11.30
N GLY B 136 10.54 5.14 -10.15
CA GLY B 136 11.05 3.77 -9.96
C GLY B 136 9.93 2.77 -10.28
N GLU B 137 8.74 2.97 -9.68
CA GLU B 137 7.68 2.00 -9.83
C GLU B 137 7.13 2.01 -11.24
N LEU B 138 7.13 3.19 -11.87
CA LEU B 138 6.65 3.32 -13.24
C LEU B 138 7.58 2.58 -14.18
N TYR B 139 8.89 2.75 -13.97
CA TYR B 139 9.85 2.01 -14.75
C TYR B 139 9.60 0.49 -14.65
N LEU B 140 9.36 -0.04 -13.44
CA LEU B 140 9.15 -1.47 -13.28
C LEU B 140 7.82 -1.93 -13.91
N ASN B 141 6.78 -1.11 -13.77
CA ASN B 141 5.42 -1.49 -14.08
C ASN B 141 4.95 -1.08 -15.48
N LEU B 142 5.47 0.01 -16.03
CA LEU B 142 4.98 0.45 -17.35
C LEU B 142 5.57 -0.48 -18.47
N GLU B 143 4.68 -1.21 -19.15
CA GLU B 143 5.04 -2.07 -20.29
C GLU B 143 4.64 -1.38 -21.58
N ILE B 144 5.57 -1.29 -22.51
CA ILE B 144 5.26 -0.63 -23.73
C ILE B 144 5.31 -1.71 -24.81
N LYS B 145 4.19 -1.94 -25.47
CA LYS B 145 4.27 -2.94 -26.51
C LYS B 145 4.19 -2.37 -27.88
N GLY B 146 4.99 -2.94 -28.76
CA GLY B 146 5.01 -2.55 -30.16
C GLY B 146 4.01 -3.37 -30.95
N THR B 147 3.93 -3.09 -32.25
CA THR B 147 2.95 -3.79 -33.12
C THR B 147 3.31 -5.31 -33.33
N ASN B 148 4.54 -5.69 -33.03
CA ASN B 148 4.95 -7.11 -33.06
C ASN B 148 4.55 -7.90 -31.81
N GLY B 149 3.94 -7.21 -30.85
CA GLY B 149 3.45 -7.84 -29.62
C GLY B 149 4.50 -7.91 -28.50
N GLN B 150 5.71 -7.48 -28.80
CA GLN B 150 6.80 -7.51 -27.81
C GLN B 150 6.71 -6.32 -26.87
N VAL B 151 7.05 -6.57 -25.61
CA VAL B 151 6.81 -5.67 -24.47
C VAL B 151 8.20 -5.17 -24.01
N THR B 152 8.40 -3.84 -24.00
CA THR B 152 9.65 -3.26 -23.47
C THR B 152 9.37 -2.25 -22.35
N ARG B 153 10.41 -1.86 -21.60
CA ARG B 153 10.29 -0.81 -20.57
C ARG B 153 10.53 0.52 -21.19
N ALA B 154 10.12 1.59 -20.50
CA ALA B 154 10.36 2.96 -20.95
C ALA B 154 11.84 3.33 -20.79
N ASP B 155 12.48 3.51 -21.96
CA ASP B 155 13.90 3.85 -22.07
C ASP B 155 14.21 5.17 -21.35
N ILE B 156 13.32 6.15 -21.49
CA ILE B 156 13.51 7.47 -20.89
C ILE B 156 13.59 7.38 -19.35
N LEU B 157 12.93 6.37 -18.77
CA LEU B 157 12.88 6.22 -17.28
C LEU B 157 14.17 5.58 -16.84
N GLN B 158 14.67 4.64 -17.64
CA GLN B 158 15.95 4.05 -17.37
C GLN B 158 17.06 5.11 -17.32
N VAL B 159 17.00 6.05 -18.26
CA VAL B 159 17.94 7.18 -18.32
C VAL B 159 17.74 8.07 -17.10
N GLY B 160 16.47 8.34 -16.78
CA GLY B 160 16.14 9.26 -15.72
C GLY B 160 16.57 8.73 -14.38
N LEU B 161 16.40 7.43 -14.14
CA LEU B 161 16.66 6.85 -12.81
C LEU B 161 18.15 7.00 -12.48
N ARG B 162 19.01 6.79 -13.49
CA ARG B 162 20.48 6.97 -13.26
C ARG B 162 20.79 8.39 -12.80
N GLU B 163 20.23 9.36 -13.52
CA GLU B 163 20.43 10.78 -13.21
C GLU B 163 19.83 11.17 -11.84
N LEU B 164 18.68 10.58 -11.45
CA LEU B 164 18.12 10.85 -10.14
C LEU B 164 19.02 10.28 -9.04
N LEU B 165 19.55 9.09 -9.28
CA LEU B 165 20.53 8.53 -8.32
C LEU B 165 21.74 9.49 -8.16
N ASN B 166 22.29 10.03 -9.26
CA ASN B 166 23.42 10.97 -9.20
C ASN B 166 23.02 12.17 -8.35
N ALA B 167 21.83 12.70 -8.57
CA ALA B 167 21.38 13.85 -7.80
C ALA B 167 21.24 13.53 -6.29
N LEU B 168 20.77 12.33 -5.96
CA LEU B 168 20.67 11.93 -4.55
C LEU B 168 22.06 11.76 -3.91
N PHE B 169 22.97 11.06 -4.59
CA PHE B 169 24.33 10.86 -4.04
C PHE B 169 25.15 12.17 -3.94
N SER B 170 24.85 13.16 -4.80
CA SER B 170 25.52 14.49 -4.79
C SER B 170 25.17 15.36 -3.62
N ASN B 171 24.05 15.07 -2.98
CA ASN B 171 23.64 15.69 -1.79
CA ASN B 171 23.72 15.71 -1.65
C ASN B 171 23.43 14.63 -0.65
N PRO B 172 24.55 14.05 -0.12
CA PRO B 172 24.46 12.79 0.65
C PRO B 172 24.01 12.97 2.09
N MET B 173 22.87 13.60 2.25
CA MET B 173 22.15 13.58 3.50
C MET B 173 21.36 12.31 3.66
N ASP B 174 21.13 11.92 4.93
CA ASP B 174 20.46 10.65 5.23
C ASP B 174 19.21 10.40 4.37
N ASP B 175 18.35 11.42 4.25
CA ASP B 175 17.05 11.16 3.65
C ASP B 175 17.19 10.95 2.13
N ASN B 176 18.11 11.65 1.50
CA ASN B 176 18.37 11.45 0.07
C ASN B 176 18.99 10.05 -0.12
N LEU B 177 19.89 9.69 0.79
CA LEU B 177 20.56 8.37 0.72
C LEU B 177 19.60 7.19 0.93
N ILE B 178 18.67 7.34 1.86
CA ILE B 178 17.70 6.29 2.14
C ILE B 178 16.77 6.18 0.92
N CYS B 179 16.47 7.31 0.29
CA CYS B 179 15.66 7.27 -0.93
C CYS B 179 16.42 6.50 -2.03
N ALA B 180 17.71 6.81 -2.18
CA ALA B 180 18.54 6.06 -3.16
C ALA B 180 18.59 4.55 -2.84
N VAL B 181 18.72 4.20 -1.56
CA VAL B 181 18.74 2.80 -1.18
C VAL B 181 17.42 2.12 -1.57
N LYS B 182 16.29 2.76 -1.25
CA LYS B 182 15.00 2.17 -1.62
C LYS B 182 14.83 2.01 -3.14
N LEU B 183 15.32 2.96 -3.90
CA LEU B 183 15.13 2.95 -5.33
C LEU B 183 15.99 1.83 -5.93
N LEU B 184 17.23 1.72 -5.44
CA LEU B 184 18.09 0.61 -5.90
C LEU B 184 17.60 -0.78 -5.50
N LYS B 185 17.05 -0.92 -4.29
CA LYS B 185 16.36 -2.16 -3.90
C LYS B 185 15.22 -2.50 -4.83
N LEU B 186 14.42 -1.48 -5.15
CA LEU B 186 13.32 -1.65 -6.06
C LEU B 186 13.71 -1.93 -7.52
N THR B 187 14.69 -1.21 -8.07
CA THR B 187 14.94 -1.28 -9.49
C THR B 187 16.32 -1.79 -9.88
N GLY B 188 17.18 -2.02 -8.87
CA GLY B 188 18.61 -2.24 -9.12
C GLY B 188 18.86 -3.45 -10.02
N SER B 189 18.18 -4.57 -9.78
CA SER B 189 18.53 -5.74 -10.58
C SER B 189 18.00 -5.60 -12.02
N VAL B 190 16.82 -5.02 -12.21
CA VAL B 190 16.31 -4.71 -13.56
C VAL B 190 17.25 -3.72 -14.28
N LEU B 191 17.67 -2.64 -13.62
CA LEU B 191 18.62 -1.72 -14.22
C LEU B 191 19.95 -2.39 -14.58
N GLU B 192 20.49 -3.13 -13.63
CA GLU B 192 21.75 -3.84 -13.83
C GLU B 192 21.67 -4.72 -15.12
N ASP B 193 20.59 -5.47 -15.30
CA ASP B 193 20.43 -6.32 -16.49
C ASP B 193 20.33 -5.50 -17.75
N ALA B 194 19.55 -4.41 -17.70
CA ALA B 194 19.33 -3.55 -18.86
C ALA B 194 20.61 -2.87 -19.29
N TRP B 195 21.43 -2.47 -18.33
CA TRP B 195 22.70 -1.86 -18.60
C TRP B 195 23.70 -2.89 -19.19
N LYS B 196 23.78 -4.07 -18.58
CA LYS B 196 24.74 -5.10 -19.02
C LYS B 196 24.45 -5.50 -20.47
N GLU B 197 23.18 -5.75 -20.75
CA GLU B 197 22.65 -5.99 -22.09
C GLU B 197 23.05 -4.95 -23.13
N LYS B 198 23.20 -3.69 -22.74
CA LYS B 198 23.58 -2.64 -23.70
C LYS B 198 25.06 -2.24 -23.58
N GLY B 199 25.84 -3.05 -22.86
CA GLY B 199 27.25 -2.75 -22.56
C GLY B 199 27.50 -1.39 -21.93
N LYS B 200 26.54 -0.89 -21.13
CA LYS B 200 26.77 0.35 -20.39
C LYS B 200 27.46 0.03 -19.05
N MET B 201 28.31 0.95 -18.57
CA MET B 201 29.04 0.80 -17.30
C MET B 201 28.38 1.53 -16.11
N ASP B 202 27.09 1.86 -16.21
CA ASP B 202 26.44 2.65 -15.15
C ASP B 202 26.47 2.03 -13.76
N MET B 203 26.33 0.70 -13.68
CA MET B 203 26.25 0.12 -12.35
C MET B 203 27.58 0.31 -11.60
N GLU B 204 28.69 0.06 -12.30
CA GLU B 204 30.03 0.37 -11.82
CA GLU B 204 30.01 0.33 -11.78
C GLU B 204 30.21 1.82 -11.38
N GLU B 205 29.67 2.74 -12.18
CA GLU B 205 29.77 4.15 -11.84
C GLU B 205 28.96 4.49 -10.58
N ILE B 206 27.76 3.92 -10.53
CA ILE B 206 26.90 4.02 -9.31
C ILE B 206 27.59 3.45 -8.05
N ILE B 207 28.16 2.26 -8.19
CA ILE B 207 28.95 1.64 -7.11
C ILE B 207 30.08 2.57 -6.70
N GLN B 208 30.76 3.22 -7.63
CA GLN B 208 31.83 4.13 -7.20
C GLN B 208 31.30 5.35 -6.45
N ARG B 209 30.13 5.87 -6.86
CA ARG B 209 29.55 7.03 -6.18
C ARG B 209 29.12 6.64 -4.77
N ILE B 210 28.55 5.43 -4.65
CA ILE B 210 28.16 4.89 -3.36
C ILE B 210 29.38 4.77 -2.44
N GLU B 211 30.47 4.21 -2.98
CA GLU B 211 31.71 4.09 -2.20
C GLU B 211 32.22 5.44 -1.73
N ASN B 212 32.19 6.44 -2.61
CA ASN B 212 32.66 7.79 -2.25
C ASN B 212 31.82 8.42 -1.12
N VAL B 213 30.51 8.19 -1.16
CA VAL B 213 29.61 8.59 -0.06
C VAL B 213 30.05 7.94 1.24
N VAL B 214 30.21 6.62 1.23
CA VAL B 214 30.63 5.90 2.44
C VAL B 214 31.99 6.43 2.99
N LEU B 215 32.92 6.73 2.10
CA LEU B 215 34.24 7.22 2.47
C LEU B 215 34.22 8.65 3.02
N ASP B 216 33.38 9.50 2.44
CA ASP B 216 33.47 10.97 2.64
C ASP B 216 32.31 11.64 3.36
N ALA B 217 31.09 11.11 3.19
CA ALA B 217 29.92 11.83 3.68
C ALA B 217 29.77 11.81 5.18
N ASN B 218 29.14 12.85 5.69
CA ASN B 218 28.81 12.96 7.10
C ASN B 218 27.43 12.42 7.47
N CYS B 219 26.94 11.45 6.72
CA CYS B 219 25.64 10.83 6.99
C CYS B 219 25.76 9.76 8.09
N SER B 220 24.65 9.23 8.56
CA SER B 220 24.65 8.28 9.66
C SER B 220 25.34 6.98 9.28
N ARG B 221 25.93 6.35 10.29
CA ARG B 221 26.47 4.98 10.17
C ARG B 221 25.49 3.94 9.61
N ASP B 222 24.27 3.87 10.12
CA ASP B 222 23.38 2.86 9.59
C ASP B 222 23.03 3.04 8.08
N VAL B 223 22.99 4.30 7.63
CA VAL B 223 22.73 4.58 6.18
C VAL B 223 23.97 4.10 5.38
N LYS B 224 25.16 4.42 5.87
CA LYS B 224 26.37 3.89 5.21
C LYS B 224 26.36 2.36 5.17
N GLN B 225 25.99 1.70 6.25
CA GLN B 225 25.90 0.22 6.28
C GLN B 225 24.89 -0.27 5.26
N MET B 226 23.74 0.42 5.15
CA MET B 226 22.78 0.17 4.07
C MET B 226 23.40 0.24 2.67
N LEU B 227 24.12 1.33 2.40
CA LEU B 227 24.81 1.50 1.14
C LEU B 227 25.84 0.37 0.91
N LEU B 228 26.60 -0.02 1.92
CA LEU B 228 27.55 -1.16 1.77
C LEU B 228 26.90 -2.46 1.34
N LYS B 229 25.75 -2.77 1.92
CA LYS B 229 24.96 -3.93 1.50
C LYS B 229 24.61 -3.93 0.05
N LEU B 230 24.35 -2.76 -0.52
CA LEU B 230 24.11 -2.70 -1.96
C LEU B 230 25.35 -2.99 -2.77
N VAL B 231 26.51 -2.53 -2.28
CA VAL B 231 27.79 -2.80 -2.92
C VAL B 231 28.07 -4.31 -2.96
N GLU B 232 27.76 -5.03 -1.90
CA GLU B 232 27.90 -6.49 -1.94
C GLU B 232 27.06 -7.17 -3.06
N LEU B 233 25.79 -6.79 -3.15
CA LEU B 233 24.78 -7.37 -4.08
C LEU B 233 24.97 -6.98 -5.57
N ARG B 234 25.22 -5.70 -5.84
CA ARG B 234 25.25 -5.16 -7.19
C ARG B 234 26.61 -5.35 -7.86
#